data_7HT5
#
_entry.id   7HT5
#
_cell.length_a   98.678
_cell.length_b   98.703
_cell.length_c   127.732
_cell.angle_alpha   90.00
_cell.angle_beta   90.00
_cell.angle_gamma   90.00
#
_symmetry.space_group_name_H-M   'I 2 2 2'
#
loop_
_entity.id
_entity.type
_entity.pdbx_description
1 polymer 'Oleoyl-acyl carrier protein thioesterase 1, chloroplastic'
2 non-polymer 1-(3-methylbenzene-1-carbonyl)piperidine-4-carboxamide
3 non-polymer 'SULFATE ION'
4 water water
#
_entity_poly.entity_id   1
_entity_poly.type   'polypeptide(L)'
_entity_poly.pdbx_seq_one_letter_code
;MGSLTEDGLSYKEKFVVRSYEVGSNKTATVETIANLLQEVGCNHAQSVGFSTDGFATTTTMRKLHLIWVTARMHIEIYKY
PAWGDVVEIETWCQSEGRIGTRRDWILKDSVTGEVTGRATSKWVMMNQDTRRLQKVSDDVRDEYLVFCPQEPRLAFPEEN
NRSLKKIPKLEDPAQYSMIGLKPRRADLDMNQHVNNVTYIGWVLESIPQEIVDTHELQVITLDYRRECQQDDVVDSLTTT
TSEIGGTNGSATSGTQGHNDSQFLHLLRLSGDGQEINRGTTLWRKKPSSHHHHHH
;
_entity_poly.pdbx_strand_id   A,B
#
loop_
_chem_comp.id
_chem_comp.type
_chem_comp.name
_chem_comp.formula
NZJ non-polymer 1-(3-methylbenzene-1-carbonyl)piperidine-4-carboxamide 'C14 H18 N2 O2'
SO4 non-polymer 'SULFATE ION' 'O4 S -2'
#
# COMPACT_ATOMS: atom_id res chain seq x y z
N GLY A 2 -4.30 -16.13 11.21
CA GLY A 2 -3.09 -16.15 12.00
C GLY A 2 -3.33 -16.72 13.39
N SER A 3 -2.26 -17.25 14.01
CA SER A 3 -2.42 -17.84 15.33
C SER A 3 -1.12 -17.99 16.05
N LEU A 4 -1.16 -17.91 17.39
CA LEU A 4 -0.01 -18.21 18.24
C LEU A 4 0.33 -19.69 18.05
N THR A 5 1.60 -20.05 18.13
CA THR A 5 2.02 -21.44 18.04
C THR A 5 1.61 -22.18 19.36
N GLU A 6 1.82 -23.51 19.39
CA GLU A 6 1.49 -24.37 20.51
C GLU A 6 2.00 -23.85 21.86
N ASP A 7 3.29 -23.47 21.95
CA ASP A 7 3.84 -22.99 23.21
C ASP A 7 3.44 -21.55 23.58
N GLY A 8 2.77 -20.82 22.67
CA GLY A 8 2.34 -19.46 22.89
C GLY A 8 3.47 -18.44 22.85
N LEU A 9 4.69 -18.85 22.42
CA LEU A 9 5.86 -17.96 22.38
C LEU A 9 6.21 -17.39 21.00
N SER A 10 5.41 -17.71 19.98
CA SER A 10 5.61 -17.13 18.64
C SER A 10 4.27 -17.14 17.89
N TYR A 11 4.21 -16.45 16.74
CA TYR A 11 2.96 -16.26 16.02
C TYR A 11 3.17 -16.51 14.54
N LYS A 12 2.21 -17.15 13.86
CA LYS A 12 2.33 -17.43 12.43
C LYS A 12 1.11 -16.91 11.70
N GLU A 13 1.32 -16.47 10.47
CA GLU A 13 0.23 -16.00 9.64
C GLU A 13 0.57 -16.24 8.16
N LYS A 14 -0.44 -16.59 7.37
CA LYS A 14 -0.27 -16.81 5.95
C LYS A 14 -0.86 -15.66 5.16
N PHE A 15 -0.20 -15.29 4.05
CA PHE A 15 -0.64 -14.18 3.18
C PHE A 15 -0.57 -14.61 1.73
N VAL A 16 -1.57 -14.21 0.92
CA VAL A 16 -1.60 -14.48 -0.51
C VAL A 16 -1.09 -13.20 -1.16
N VAL A 17 0.01 -13.28 -1.93
CA VAL A 17 0.57 -12.07 -2.56
C VAL A 17 -0.44 -11.45 -3.58
N ARG A 18 -0.76 -10.15 -3.41
CA ARG A 18 -1.74 -9.41 -4.22
C ARG A 18 -1.20 -8.80 -5.50
N SER A 19 -2.08 -8.59 -6.53
CA SER A 19 -1.69 -8.00 -7.81
C SER A 19 -0.94 -6.65 -7.69
N TYR A 20 -1.41 -5.73 -6.83
CA TYR A 20 -0.75 -4.43 -6.65
C TYR A 20 0.48 -4.49 -5.72
N GLU A 21 0.77 -5.64 -5.12
CA GLU A 21 1.92 -5.80 -4.23
C GLU A 21 3.20 -6.21 -4.97
N VAL A 22 3.11 -6.49 -6.29
CA VAL A 22 4.29 -6.97 -7.02
C VAL A 22 4.88 -5.92 -7.95
N GLY A 23 6.17 -6.07 -8.26
CA GLY A 23 6.91 -5.23 -9.20
C GLY A 23 6.92 -5.79 -10.62
N SER A 24 7.88 -5.35 -11.44
N SER A 24 7.87 -5.34 -11.46
N SER A 24 7.88 -5.35 -11.44
CA SER A 24 8.01 -5.75 -12.85
CA SER A 24 7.99 -5.74 -12.87
CA SER A 24 8.01 -5.75 -12.85
C SER A 24 8.23 -7.26 -13.05
C SER A 24 8.27 -7.25 -13.08
C SER A 24 8.23 -7.26 -13.05
N ASN A 25 8.89 -7.90 -12.10
CA ASN A 25 9.17 -9.34 -12.16
C ASN A 25 7.94 -10.21 -11.74
N LYS A 26 6.78 -9.59 -11.38
CA LYS A 26 5.61 -10.30 -10.87
C LYS A 26 5.88 -11.00 -9.54
N THR A 27 6.84 -10.48 -8.75
CA THR A 27 7.12 -10.96 -7.39
C THR A 27 6.98 -9.79 -6.42
N ALA A 28 6.65 -10.07 -5.13
CA ALA A 28 6.46 -9.01 -4.14
C ALA A 28 7.65 -8.09 -4.02
N THR A 29 7.42 -6.78 -3.88
CA THR A 29 8.52 -5.82 -3.67
C THR A 29 9.04 -5.98 -2.22
N VAL A 30 10.21 -5.39 -1.90
CA VAL A 30 10.70 -5.41 -0.53
C VAL A 30 9.77 -4.58 0.40
N GLU A 31 9.05 -3.57 -0.15
CA GLU A 31 8.13 -2.78 0.67
C GLU A 31 6.91 -3.61 1.03
N THR A 32 6.44 -4.48 0.12
CA THR A 32 5.34 -5.40 0.41
C THR A 32 5.79 -6.37 1.53
N ILE A 33 7.01 -6.91 1.44
CA ILE A 33 7.54 -7.79 2.48
C ILE A 33 7.57 -7.06 3.83
N ALA A 34 8.14 -5.83 3.86
CA ALA A 34 8.21 -5.02 5.07
C ALA A 34 6.79 -4.73 5.67
N ASN A 35 5.78 -4.48 4.80
CA ASN A 35 4.39 -4.24 5.24
C ASN A 35 3.83 -5.53 5.89
N LEU A 36 4.11 -6.69 5.30
CA LEU A 36 3.64 -7.97 5.83
C LEU A 36 4.32 -8.29 7.18
N LEU A 37 5.62 -7.96 7.33
CA LEU A 37 6.32 -8.14 8.62
C LEU A 37 5.62 -7.29 9.71
N GLN A 38 5.27 -6.05 9.36
CA GLN A 38 4.61 -5.14 10.28
C GLN A 38 3.24 -5.67 10.69
N GLU A 39 2.46 -6.17 9.70
CA GLU A 39 1.13 -6.71 9.92
C GLU A 39 1.15 -7.94 10.85
N VAL A 40 2.08 -8.88 10.62
CA VAL A 40 2.17 -10.07 11.47
C VAL A 40 2.67 -9.69 12.91
N GLY A 41 3.51 -8.67 13.01
CA GLY A 41 3.95 -8.18 14.31
C GLY A 41 2.77 -7.60 15.09
N CYS A 42 1.92 -6.83 14.42
N CYS A 42 1.93 -6.85 14.41
N CYS A 42 1.92 -6.83 14.42
CA CYS A 42 0.73 -6.21 15.02
CA CYS A 42 0.76 -6.24 15.04
CA CYS A 42 0.73 -6.21 15.02
C CYS A 42 -0.25 -7.30 15.48
C CYS A 42 -0.24 -7.30 15.49
C CYS A 42 -0.25 -7.30 15.48
N ASN A 43 -0.45 -8.34 14.66
CA ASN A 43 -1.37 -9.41 14.99
C ASN A 43 -0.85 -10.26 16.18
N HIS A 44 0.49 -10.41 16.31
CA HIS A 44 1.08 -11.09 17.44
C HIS A 44 0.84 -10.28 18.74
N ALA A 45 1.10 -8.96 18.73
CA ALA A 45 0.87 -8.11 19.90
C ALA A 45 -0.62 -8.15 20.34
N GLN A 46 -1.53 -8.12 19.39
CA GLN A 46 -2.96 -8.19 19.66
C GLN A 46 -3.36 -9.55 20.28
N SER A 47 -2.79 -10.65 19.77
N SER A 47 -2.80 -10.64 19.77
N SER A 47 -2.79 -10.65 19.77
CA SER A 47 -3.11 -11.99 20.24
CA SER A 47 -3.13 -11.98 20.26
CA SER A 47 -3.11 -11.99 20.24
C SER A 47 -2.68 -12.24 21.69
C SER A 47 -2.72 -12.20 21.71
C SER A 47 -2.68 -12.24 21.69
N VAL A 48 -1.71 -11.48 22.20
CA VAL A 48 -1.24 -11.65 23.57
C VAL A 48 -1.66 -10.51 24.52
N GLY A 49 -2.70 -9.78 24.16
CA GLY A 49 -3.25 -8.76 25.05
C GLY A 49 -2.88 -7.30 24.88
N PHE A 50 -1.94 -6.96 23.99
CA PHE A 50 -1.57 -5.55 23.80
C PHE A 50 -2.56 -4.77 22.92
N ALA A 56 2.51 -2.14 20.80
CA ALA A 56 2.72 -3.20 21.79
C ALA A 56 3.03 -2.59 23.17
N THR A 57 2.26 -1.56 23.58
CA THR A 57 2.49 -0.91 24.86
C THR A 57 1.86 -1.69 26.00
N THR A 58 2.67 -2.01 27.01
CA THR A 58 2.24 -2.70 28.23
C THR A 58 1.46 -1.70 29.13
N THR A 59 0.91 -2.19 30.25
CA THR A 59 0.16 -1.38 31.20
C THR A 59 1.03 -0.27 31.81
N THR A 60 2.27 -0.60 32.25
CA THR A 60 3.20 0.37 32.81
C THR A 60 3.65 1.41 31.78
N MET A 61 3.79 1.00 30.50
N MET A 61 3.79 1.00 30.50
N MET A 61 3.79 1.00 30.50
CA MET A 61 4.19 1.92 29.44
CA MET A 61 4.19 1.91 29.44
CA MET A 61 4.19 1.92 29.44
C MET A 61 3.12 2.98 29.19
C MET A 61 3.12 2.97 29.20
C MET A 61 3.12 2.98 29.19
N ARG A 62 1.85 2.58 29.13
CA ARG A 62 0.74 3.52 28.89
C ARG A 62 0.57 4.54 30.04
N LYS A 63 0.81 4.11 31.29
CA LYS A 63 0.75 4.98 32.45
C LYS A 63 1.88 6.06 32.37
N LEU A 64 3.06 5.66 31.91
CA LEU A 64 4.21 6.57 31.82
C LEU A 64 4.40 7.25 30.44
N HIS A 65 3.41 7.12 29.54
CA HIS A 65 3.48 7.69 28.18
C HIS A 65 4.70 7.19 27.36
N LEU A 66 5.10 5.93 27.56
CA LEU A 66 6.22 5.32 26.87
C LEU A 66 5.74 4.46 25.69
N ILE A 67 6.53 4.46 24.59
CA ILE A 67 6.28 3.68 23.37
C ILE A 67 7.57 2.99 22.85
N TRP A 68 7.40 1.93 22.05
CA TRP A 68 8.50 1.27 21.37
C TRP A 68 8.65 1.96 20.01
N VAL A 69 9.88 2.25 19.62
CA VAL A 69 10.21 2.85 18.34
C VAL A 69 11.33 2.02 17.67
N THR A 70 11.32 1.92 16.32
CA THR A 70 12.34 1.13 15.62
C THR A 70 13.66 1.87 15.53
N ALA A 71 14.74 1.23 15.99
CA ALA A 71 16.06 1.82 15.88
C ALA A 71 16.76 1.25 14.62
N ARG A 72 16.56 -0.04 14.32
CA ARG A 72 17.17 -0.70 13.16
C ARG A 72 16.24 -1.78 12.62
N MET A 73 16.29 -2.00 11.28
CA MET A 73 15.56 -3.03 10.55
C MET A 73 16.58 -3.71 9.60
N HIS A 74 16.60 -5.03 9.57
CA HIS A 74 17.51 -5.77 8.72
C HIS A 74 16.72 -6.90 8.03
N ILE A 75 16.65 -6.90 6.70
CA ILE A 75 15.92 -7.90 5.94
C ILE A 75 16.82 -8.62 4.89
N GLU A 76 16.73 -9.96 4.83
CA GLU A 76 17.42 -10.75 3.81
C GLU A 76 16.42 -11.63 3.09
N ILE A 77 16.34 -11.47 1.76
CA ILE A 77 15.41 -12.24 0.94
C ILE A 77 16.20 -13.15 -0.02
N TYR A 78 15.90 -14.45 0.00
CA TYR A 78 16.51 -15.42 -0.90
C TYR A 78 15.62 -15.56 -2.16
N LYS A 79 14.30 -15.58 -1.98
CA LYS A 79 13.34 -15.66 -3.08
C LYS A 79 12.15 -14.78 -2.74
N TYR A 80 11.75 -13.88 -3.65
CA TYR A 80 10.56 -13.06 -3.43
C TYR A 80 9.36 -13.88 -3.88
N PRO A 81 8.28 -13.96 -3.10
CA PRO A 81 7.12 -14.76 -3.54
C PRO A 81 6.43 -14.12 -4.75
N ALA A 82 5.92 -14.94 -5.65
CA ALA A 82 5.24 -14.46 -6.83
C ALA A 82 3.79 -14.05 -6.50
N TRP A 83 3.17 -13.26 -7.39
CA TRP A 83 1.76 -12.86 -7.35
C TRP A 83 0.88 -14.17 -7.28
N GLY A 84 0.02 -14.26 -6.26
CA GLY A 84 -0.82 -15.44 -6.08
C GLY A 84 -0.23 -16.50 -5.17
N ASP A 85 1.09 -16.44 -4.89
CA ASP A 85 1.73 -17.41 -3.98
C ASP A 85 1.32 -17.15 -2.52
N VAL A 86 1.39 -18.19 -1.68
CA VAL A 86 1.07 -18.06 -0.27
C VAL A 86 2.39 -18.10 0.48
N VAL A 87 2.65 -17.10 1.31
CA VAL A 87 3.85 -17.03 2.13
C VAL A 87 3.45 -17.17 3.61
N GLU A 88 4.19 -17.94 4.40
CA GLU A 88 3.90 -18.06 5.83
C GLU A 88 4.98 -17.35 6.61
N ILE A 89 4.59 -16.46 7.51
CA ILE A 89 5.56 -15.68 8.28
C ILE A 89 5.44 -15.98 9.76
N GLU A 90 6.56 -16.38 10.39
CA GLU A 90 6.59 -16.64 11.82
C GLU A 90 7.33 -15.48 12.50
N THR A 91 6.80 -14.98 13.62
CA THR A 91 7.42 -13.88 14.35
C THR A 91 7.46 -14.13 15.85
N TRP A 92 8.43 -13.53 16.50
CA TRP A 92 8.60 -13.61 17.95
C TRP A 92 9.44 -12.43 18.44
N CYS A 93 9.37 -12.15 19.73
CA CYS A 93 10.13 -11.08 20.34
C CYS A 93 11.04 -11.59 21.43
N GLN A 94 12.13 -10.87 21.68
CA GLN A 94 13.05 -11.20 22.76
C GLN A 94 13.52 -9.93 23.42
N SER A 95 13.72 -10.02 24.72
CA SER A 95 14.24 -8.93 25.53
C SER A 95 15.76 -8.84 25.27
N GLU A 96 16.31 -7.64 25.18
CA GLU A 96 17.76 -7.45 25.07
C GLU A 96 18.22 -6.63 26.27
N GLY A 97 17.89 -7.13 27.47
CA GLY A 97 18.26 -6.46 28.71
C GLY A 97 17.64 -5.07 28.82
N ARG A 98 18.41 -4.11 29.34
CA ARG A 98 17.90 -2.75 29.48
C ARG A 98 18.03 -1.90 28.20
N ILE A 99 18.63 -2.44 27.12
CA ILE A 99 18.77 -1.67 25.87
C ILE A 99 17.43 -1.50 25.18
N GLY A 100 16.66 -2.58 25.13
CA GLY A 100 15.39 -2.58 24.44
C GLY A 100 14.97 -3.98 24.09
N THR A 101 14.20 -4.11 23.02
CA THR A 101 13.69 -5.38 22.56
C THR A 101 14.06 -5.66 21.10
N ARG A 102 13.89 -6.90 20.69
CA ARG A 102 14.16 -7.33 19.33
C ARG A 102 12.94 -8.12 18.85
N ARG A 103 12.53 -7.90 17.59
CA ARG A 103 11.49 -8.69 16.99
C ARG A 103 12.15 -9.33 15.77
N ASP A 104 11.97 -10.65 15.61
CA ASP A 104 12.51 -11.40 14.49
C ASP A 104 11.39 -12.03 13.66
N TRP A 105 11.70 -12.33 12.39
CA TRP A 105 10.75 -12.96 11.50
C TRP A 105 11.47 -14.01 10.61
N ILE A 106 10.75 -15.07 10.24
CA ILE A 106 11.16 -16.09 9.29
C ILE A 106 10.04 -16.18 8.25
N LEU A 107 10.39 -16.06 6.98
CA LEU A 107 9.42 -16.13 5.88
C LEU A 107 9.62 -17.49 5.19
N LYS A 108 8.52 -18.21 4.93
CA LYS A 108 8.58 -19.52 4.28
C LYS A 108 7.59 -19.61 3.14
N ASP A 109 7.93 -20.40 2.13
CA ASP A 109 7.06 -20.70 1.02
C ASP A 109 6.05 -21.69 1.62
N SER A 110 4.74 -21.39 1.54
CA SER A 110 3.74 -22.26 2.15
C SER A 110 3.62 -23.67 1.52
N VAL A 111 3.93 -23.79 0.23
CA VAL A 111 3.85 -25.06 -0.47
C VAL A 111 5.09 -25.95 -0.18
N THR A 112 6.29 -25.39 -0.30
CA THR A 112 7.52 -26.17 -0.11
C THR A 112 7.99 -26.23 1.35
N GLY A 113 7.59 -25.26 2.16
CA GLY A 113 8.05 -25.18 3.54
C GLY A 113 9.47 -24.64 3.67
N GLU A 114 10.09 -24.23 2.56
CA GLU A 114 11.46 -23.69 2.59
C GLU A 114 11.53 -22.22 3.02
N VAL A 115 12.58 -21.88 3.76
CA VAL A 115 12.84 -20.51 4.20
C VAL A 115 13.21 -19.66 3.01
N THR A 116 12.40 -18.65 2.71
CA THR A 116 12.65 -17.76 1.58
C THR A 116 13.16 -16.36 2.04
N GLY A 117 13.16 -16.11 3.33
CA GLY A 117 13.64 -14.84 3.87
C GLY A 117 13.70 -14.83 5.38
N ARG A 118 14.40 -13.84 5.93
CA ARG A 118 14.47 -13.63 7.35
C ARG A 118 14.68 -12.15 7.66
N ALA A 119 14.20 -11.73 8.82
CA ALA A 119 14.33 -10.33 9.22
C ALA A 119 14.51 -10.20 10.71
N THR A 120 15.10 -9.09 11.12
CA THR A 120 15.34 -8.78 12.51
C THR A 120 15.24 -7.28 12.69
N SER A 121 14.75 -6.85 13.85
CA SER A 121 14.59 -5.43 14.13
C SER A 121 14.89 -5.14 15.61
N LYS A 122 15.52 -3.98 15.89
CA LYS A 122 15.85 -3.54 17.24
C LYS A 122 14.94 -2.36 17.60
N TRP A 123 14.29 -2.44 18.75
CA TRP A 123 13.34 -1.46 19.24
C TRP A 123 13.81 -0.86 20.57
N VAL A 124 13.63 0.43 20.75
CA VAL A 124 14.02 1.16 21.97
C VAL A 124 12.81 1.87 22.58
N MET A 125 12.82 2.07 23.90
CA MET A 125 11.70 2.73 24.57
C MET A 125 11.91 4.24 24.49
N MET A 126 10.82 4.96 24.30
CA MET A 126 10.88 6.41 24.18
C MET A 126 9.64 7.05 24.80
N ASN A 127 9.77 8.24 25.37
CA ASN A 127 8.61 8.97 25.88
C ASN A 127 7.92 9.54 24.64
N GLN A 128 6.62 9.27 24.48
CA GLN A 128 5.80 9.72 23.34
C GLN A 128 5.85 11.24 23.08
N ASP A 129 5.90 12.04 24.14
CA ASP A 129 5.81 13.51 24.09
C ASP A 129 7.16 14.21 23.89
N THR A 130 8.14 13.95 24.76
CA THR A 130 9.46 14.58 24.67
C THR A 130 10.38 14.00 23.63
N ARG A 131 10.08 12.75 23.19
CA ARG A 131 10.87 12.00 22.23
C ARG A 131 12.22 11.55 22.81
N ARG A 132 12.35 11.48 24.14
CA ARG A 132 13.58 11.08 24.78
C ARG A 132 13.64 9.59 25.04
N LEU A 133 14.76 8.97 24.65
CA LEU A 133 14.96 7.53 24.82
C LEU A 133 15.24 7.14 26.24
N GLN A 134 14.91 5.91 26.63
CA GLN A 134 15.21 5.43 27.97
C GLN A 134 15.34 3.92 28.08
N LYS A 135 16.16 3.47 29.05
CA LYS A 135 16.41 2.06 29.31
C LYS A 135 15.15 1.35 29.80
N VAL A 136 15.07 0.03 29.58
CA VAL A 136 13.91 -0.75 29.99
C VAL A 136 13.94 -1.08 31.48
N SER A 137 12.91 -0.65 32.23
CA SER A 137 12.83 -0.92 33.67
C SER A 137 12.38 -2.38 33.96
N ASP A 138 12.56 -2.84 35.22
CA ASP A 138 12.14 -4.18 35.64
C ASP A 138 10.65 -4.38 35.48
N ASP A 139 9.81 -3.39 35.84
CA ASP A 139 8.36 -3.52 35.72
C ASP A 139 7.94 -3.76 34.27
N VAL A 140 8.52 -3.01 33.32
CA VAL A 140 8.20 -3.20 31.92
C VAL A 140 8.70 -4.56 31.47
N ARG A 141 9.99 -4.86 31.73
CA ARG A 141 10.63 -6.12 31.38
C ARG A 141 9.86 -7.35 31.83
N ASP A 142 9.36 -7.35 33.08
CA ASP A 142 8.61 -8.48 33.63
C ASP A 142 7.28 -8.66 32.92
N GLU A 143 6.63 -7.56 32.55
CA GLU A 143 5.35 -7.60 31.87
C GLU A 143 5.40 -8.22 30.48
N TYR A 144 6.52 -8.06 29.73
CA TYR A 144 6.59 -8.65 28.39
C TYR A 144 7.41 -9.95 28.32
N LEU A 145 8.19 -10.28 29.36
CA LEU A 145 9.01 -11.49 29.39
C LEU A 145 8.18 -12.78 29.31
N VAL A 146 6.95 -12.77 29.85
CA VAL A 146 6.09 -13.95 29.79
C VAL A 146 5.59 -14.28 28.36
N PHE A 147 5.82 -13.38 27.38
CA PHE A 147 5.42 -13.57 25.98
C PHE A 147 6.61 -13.88 25.05
N CYS A 148 7.82 -14.03 25.60
CA CYS A 148 9.05 -14.23 24.86
C CYS A 148 9.69 -15.55 25.21
N PRO A 149 10.40 -16.17 24.25
CA PRO A 149 11.22 -17.36 24.60
C PRO A 149 12.35 -16.90 25.56
N GLN A 150 12.68 -17.72 26.54
CA GLN A 150 13.71 -17.36 27.53
C GLN A 150 15.12 -17.66 27.03
N GLU A 151 15.26 -18.78 26.32
CA GLU A 151 16.53 -19.11 25.70
C GLU A 151 16.62 -18.30 24.38
N PRO A 152 17.82 -17.88 24.00
CA PRO A 152 17.97 -17.13 22.74
C PRO A 152 17.41 -17.88 21.51
N ARG A 153 16.70 -17.14 20.67
CA ARG A 153 16.14 -17.64 19.44
C ARG A 153 16.40 -16.53 18.42
N LEU A 154 17.37 -16.76 17.51
CA LEU A 154 17.78 -15.72 16.56
C LEU A 154 17.47 -16.04 15.12
N ALA A 155 16.85 -15.10 14.40
CA ALA A 155 16.66 -15.26 12.95
C ALA A 155 18.04 -15.19 12.27
N PHE A 156 18.97 -14.38 12.79
CA PHE A 156 20.34 -14.26 12.30
C PHE A 156 21.31 -14.69 13.39
N PRO A 157 21.47 -16.01 13.56
CA PRO A 157 22.39 -16.47 14.61
C PRO A 157 23.88 -16.28 14.29
N GLU A 158 24.36 -16.58 13.06
CA GLU A 158 25.79 -16.47 12.66
C GLU A 158 26.64 -15.40 13.41
N GLU A 159 27.91 -15.76 13.74
CA GLU A 159 28.88 -14.96 14.52
C GLU A 159 29.10 -13.51 14.02
N ASN A 160 29.55 -13.31 12.78
CA ASN A 160 29.79 -11.97 12.26
C ASN A 160 28.75 -11.73 11.18
N ASN A 161 27.47 -11.61 11.59
CA ASN A 161 26.40 -11.44 10.62
C ASN A 161 26.18 -9.98 10.25
N ARG A 162 25.57 -9.75 9.07
CA ARG A 162 25.32 -8.42 8.53
C ARG A 162 24.37 -7.53 9.36
N SER A 163 23.46 -8.14 10.16
CA SER A 163 22.48 -7.39 10.96
C SER A 163 23.06 -6.56 12.10
N LEU A 164 24.33 -6.79 12.46
CA LEU A 164 24.99 -6.04 13.55
C LEU A 164 26.18 -5.19 13.05
N LYS A 165 26.27 -4.93 11.73
CA LYS A 165 27.37 -4.14 11.19
C LYS A 165 27.16 -2.65 11.44
N LYS A 166 28.23 -1.92 11.75
CA LYS A 166 28.14 -0.47 11.95
C LYS A 166 28.04 0.21 10.57
N ILE A 167 27.14 1.20 10.41
CA ILE A 167 26.96 1.85 9.10
C ILE A 167 27.55 3.27 9.09
N PRO A 168 28.47 3.57 8.17
CA PRO A 168 29.06 4.91 8.14
C PRO A 168 28.16 5.97 7.50
N LYS A 169 28.51 7.25 7.70
CA LYS A 169 27.73 8.33 7.11
C LYS A 169 28.28 8.66 5.71
N LEU A 170 27.38 8.67 4.71
CA LEU A 170 27.68 8.98 3.32
C LEU A 170 28.27 10.40 3.24
N GLU A 171 29.37 10.57 2.49
CA GLU A 171 29.99 11.89 2.34
C GLU A 171 29.59 12.56 1.02
N ASP A 172 29.35 13.87 1.06
CA ASP A 172 29.04 14.61 -0.16
C ASP A 172 30.34 14.72 -1.00
N PRO A 173 30.26 14.60 -2.33
CA PRO A 173 29.04 14.43 -3.13
C PRO A 173 28.55 12.97 -3.22
N ALA A 174 27.22 12.78 -3.29
CA ALA A 174 26.64 11.46 -3.45
C ALA A 174 26.76 11.07 -4.94
N GLN A 175 26.87 9.76 -5.24
CA GLN A 175 26.94 9.33 -6.62
C GLN A 175 25.59 9.49 -7.30
N TYR A 176 24.51 9.14 -6.58
CA TYR A 176 23.13 9.22 -7.05
C TYR A 176 22.24 9.94 -6.02
N SER A 177 21.12 10.53 -6.47
CA SER A 177 20.21 11.17 -5.55
C SER A 177 18.78 11.30 -6.11
N MET A 178 17.79 11.43 -5.22
CA MET A 178 16.39 11.69 -5.56
C MET A 178 15.99 12.74 -4.52
N ILE A 179 15.65 13.95 -4.94
CA ILE A 179 15.44 15.06 -4.03
C ILE A 179 13.98 15.46 -3.90
N GLY A 180 13.63 16.09 -2.79
CA GLY A 180 12.28 16.61 -2.60
C GLY A 180 11.19 15.60 -2.35
N LEU A 181 11.53 14.42 -1.83
CA LEU A 181 10.54 13.38 -1.52
C LEU A 181 9.61 13.80 -0.38
N LYS A 182 8.30 13.71 -0.59
CA LYS A 182 7.35 14.13 0.45
C LYS A 182 6.23 13.12 0.63
N PRO A 183 5.84 12.85 1.88
CA PRO A 183 4.79 11.87 2.12
C PRO A 183 3.41 12.37 1.71
N ARG A 184 2.56 11.45 1.26
CA ARG A 184 1.16 11.78 1.06
C ARG A 184 0.36 11.10 2.22
N ARG A 185 -0.97 11.27 2.30
CA ARG A 185 -1.74 10.68 3.41
C ARG A 185 -1.62 9.17 3.48
N ALA A 186 -1.51 8.47 2.33
CA ALA A 186 -1.33 7.01 2.29
C ALA A 186 -0.05 6.54 2.98
N ASP A 187 0.96 7.43 3.10
CA ASP A 187 2.21 7.11 3.78
C ASP A 187 2.10 7.20 5.31
N LEU A 188 0.97 7.67 5.87
CA LEU A 188 0.84 7.83 7.31
C LEU A 188 0.17 6.60 7.95
N ASP A 189 0.55 6.26 9.19
CA ASP A 189 -0.11 5.20 9.93
C ASP A 189 -1.35 5.76 10.68
N MET A 190 -2.09 4.89 11.40
CA MET A 190 -3.27 5.28 12.14
C MET A 190 -2.98 6.37 13.19
N ASN A 191 -1.73 6.52 13.64
CA ASN A 191 -1.34 7.54 14.63
C ASN A 191 -0.83 8.84 13.99
N GLN A 192 -0.96 8.99 12.65
CA GLN A 192 -0.55 10.18 11.90
C GLN A 192 0.96 10.40 11.94
N HIS A 193 1.71 9.31 11.94
CA HIS A 193 3.16 9.28 11.85
C HIS A 193 3.49 8.61 10.51
N VAL A 194 4.60 8.98 9.88
CA VAL A 194 5.01 8.35 8.62
C VAL A 194 5.32 6.85 8.88
N ASN A 195 4.70 5.93 8.11
CA ASN A 195 4.90 4.49 8.23
C ASN A 195 6.40 4.16 8.04
N ASN A 196 6.97 3.28 8.87
CA ASN A 196 8.41 2.92 8.73
C ASN A 196 8.80 2.41 7.34
N VAL A 197 7.85 1.77 6.63
CA VAL A 197 8.09 1.19 5.31
C VAL A 197 8.30 2.27 4.25
N THR A 198 7.72 3.47 4.44
CA THR A 198 7.92 4.60 3.52
C THR A 198 9.42 4.96 3.46
N TYR A 199 10.13 4.91 4.61
CA TYR A 199 11.56 5.23 4.63
C TYR A 199 12.34 4.23 3.76
N ILE A 200 11.92 2.94 3.75
CA ILE A 200 12.55 1.91 2.89
C ILE A 200 12.34 2.32 1.41
N GLY A 201 11.12 2.71 1.04
CA GLY A 201 10.86 3.18 -0.32
C GLY A 201 11.72 4.38 -0.71
N TRP A 202 11.80 5.39 0.20
CA TRP A 202 12.59 6.60 -0.06
C TRP A 202 14.07 6.27 -0.21
N VAL A 203 14.61 5.32 0.61
CA VAL A 203 16.02 4.89 0.46
C VAL A 203 16.26 4.35 -0.97
N LEU A 204 15.36 3.44 -1.42
CA LEU A 204 15.43 2.79 -2.70
C LEU A 204 15.22 3.75 -3.90
N GLU A 205 14.57 4.89 -3.67
CA GLU A 205 14.33 5.86 -4.72
C GLU A 205 15.62 6.33 -5.45
N SER A 206 16.75 6.46 -4.72
CA SER A 206 17.98 6.92 -5.36
C SER A 206 18.81 5.79 -6.01
N ILE A 207 18.36 4.52 -5.95
CA ILE A 207 19.05 3.44 -6.68
C ILE A 207 18.63 3.63 -8.15
N PRO A 208 19.60 3.65 -9.10
CA PRO A 208 19.23 3.82 -10.52
C PRO A 208 18.31 2.72 -11.03
N GLN A 209 17.41 3.08 -11.95
CA GLN A 209 16.46 2.14 -12.52
C GLN A 209 17.13 0.95 -13.21
N GLU A 210 18.29 1.16 -13.84
CA GLU A 210 19.06 0.10 -14.49
C GLU A 210 19.43 -0.99 -13.50
N ILE A 211 19.80 -0.61 -12.26
CA ILE A 211 20.14 -1.58 -11.23
C ILE A 211 18.89 -2.35 -10.84
N VAL A 212 17.76 -1.67 -10.63
CA VAL A 212 16.50 -2.33 -10.29
C VAL A 212 16.08 -3.32 -11.39
N ASP A 213 16.22 -2.95 -12.66
CA ASP A 213 15.87 -3.79 -13.80
C ASP A 213 16.72 -5.07 -13.99
N THR A 214 18.00 -5.03 -13.56
CA THR A 214 18.91 -6.15 -13.78
C THR A 214 19.34 -6.88 -12.52
N HIS A 215 19.01 -6.34 -11.32
CA HIS A 215 19.41 -6.95 -10.06
C HIS A 215 18.22 -7.22 -9.14
N GLU A 216 18.41 -8.13 -8.18
CA GLU A 216 17.42 -8.36 -7.15
C GLU A 216 18.02 -7.93 -5.82
N LEU A 217 17.23 -7.26 -5.00
CA LEU A 217 17.68 -6.82 -3.69
C LEU A 217 17.77 -8.04 -2.76
N GLN A 218 18.97 -8.32 -2.27
CA GLN A 218 19.18 -9.46 -1.39
C GLN A 218 19.15 -9.06 0.09
N VAL A 219 19.82 -7.95 0.45
CA VAL A 219 19.89 -7.52 1.86
C VAL A 219 19.70 -6.03 1.97
N ILE A 220 18.96 -5.59 2.98
CA ILE A 220 18.80 -4.17 3.33
C ILE A 220 18.93 -4.01 4.85
N THR A 221 19.79 -3.08 5.29
CA THR A 221 19.94 -2.75 6.69
C THR A 221 19.66 -1.26 6.79
N LEU A 222 18.72 -0.86 7.65
CA LEU A 222 18.36 0.54 7.81
C LEU A 222 18.37 0.97 9.28
N ASP A 223 19.08 2.06 9.61
CA ASP A 223 19.13 2.71 10.91
C ASP A 223 18.14 3.89 10.90
N TYR A 224 17.29 4.00 11.92
CA TYR A 224 16.29 5.06 12.01
C TYR A 224 16.81 6.05 13.08
N ARG A 225 17.08 7.29 12.70
CA ARG A 225 17.67 8.28 13.60
C ARG A 225 16.67 9.34 14.07
N ARG A 226 15.80 9.75 13.16
CA ARG A 226 14.82 10.78 13.41
C ARG A 226 13.66 10.56 12.43
N GLU A 227 12.46 10.98 12.80
CA GLU A 227 11.32 10.81 11.92
C GLU A 227 11.07 12.04 11.01
N CYS A 228 10.42 11.82 9.88
CA CYS A 228 10.02 12.86 8.93
C CYS A 228 8.75 13.41 9.58
N GLN A 229 8.80 14.65 10.09
CA GLN A 229 7.67 15.28 10.80
C GLN A 229 6.78 16.12 9.86
N GLN A 230 5.69 16.72 10.38
CA GLN A 230 4.80 17.56 9.58
C GLN A 230 5.56 18.63 8.73
N ASP A 231 5.32 18.62 7.40
CA ASP A 231 5.88 19.53 6.39
C ASP A 231 7.35 19.26 6.03
N ASP A 232 7.96 18.21 6.57
CA ASP A 232 9.34 17.87 6.22
C ASP A 232 9.41 17.28 4.79
N VAL A 233 10.51 17.59 4.10
CA VAL A 233 10.80 17.09 2.75
C VAL A 233 12.16 16.36 2.86
N VAL A 234 12.31 15.22 2.19
CA VAL A 234 13.48 14.34 2.30
C VAL A 234 14.30 14.24 1.01
N ASP A 235 15.64 14.19 1.14
CA ASP A 235 16.55 13.93 0.03
C ASP A 235 17.13 12.52 0.26
N SER A 236 17.12 11.68 -0.79
CA SER A 236 17.62 10.29 -0.75
C SER A 236 18.96 10.25 -1.51
N LEU A 237 20.05 9.86 -0.85
CA LEU A 237 21.40 9.86 -1.44
C LEU A 237 22.00 8.43 -1.41
N THR A 238 22.70 8.04 -2.48
CA THR A 238 23.26 6.71 -2.62
C THR A 238 24.63 6.78 -3.30
N THR A 239 25.58 5.96 -2.83
CA THR A 239 26.90 5.84 -3.43
C THR A 239 27.24 4.36 -3.45
N THR A 240 27.75 3.87 -4.59
CA THR A 240 28.15 2.46 -4.69
C THR A 240 29.42 2.26 -3.88
N THR A 241 29.46 1.23 -3.03
CA THR A 241 30.67 0.92 -2.26
C THR A 241 31.44 -0.30 -2.79
N SER A 242 30.80 -1.13 -3.63
CA SER A 242 31.47 -2.30 -4.21
C SER A 242 32.44 -1.90 -5.36
N ASN A 259 29.63 -10.80 -8.85
CA ASN A 259 28.24 -10.66 -9.30
C ASN A 259 27.33 -9.87 -8.35
N ASP A 260 27.92 -9.23 -7.31
CA ASP A 260 27.11 -8.47 -6.36
C ASP A 260 27.46 -6.96 -6.37
N SER A 261 26.49 -6.12 -6.02
CA SER A 261 26.69 -4.67 -5.92
C SER A 261 26.22 -4.21 -4.52
N GLN A 262 27.03 -3.43 -3.81
CA GLN A 262 26.68 -2.90 -2.50
C GLN A 262 26.54 -1.39 -2.59
N PHE A 263 25.61 -0.80 -1.82
CA PHE A 263 25.44 0.65 -1.82
C PHE A 263 25.37 1.17 -0.39
N LEU A 264 25.78 2.42 -0.19
CA LEU A 264 25.66 3.13 1.07
C LEU A 264 24.54 4.16 0.84
N HIS A 265 23.64 4.32 1.80
CA HIS A 265 22.48 5.19 1.67
C HIS A 265 22.40 6.21 2.80
N LEU A 266 21.83 7.35 2.50
CA LEU A 266 21.56 8.38 3.48
C LEU A 266 20.25 9.14 3.15
N LEU A 267 19.30 9.22 4.11
CA LEU A 267 18.12 10.07 3.98
C LEU A 267 18.36 11.29 4.88
N ARG A 268 18.14 12.49 4.36
CA ARG A 268 18.31 13.70 5.18
C ARG A 268 17.24 14.76 4.83
N LEU A 269 16.94 15.69 5.74
CA LEU A 269 15.95 16.75 5.47
C LEU A 269 16.45 17.67 4.36
N SER A 270 15.60 18.02 3.38
CA SER A 270 15.97 18.85 2.21
C SER A 270 16.53 20.19 2.58
N GLY A 271 16.02 20.77 3.65
CA GLY A 271 16.47 22.08 4.07
C GLY A 271 17.82 22.09 4.76
N ASP A 272 17.84 21.75 6.05
CA ASP A 272 19.05 21.84 6.85
C ASP A 272 20.03 20.67 6.74
N GLY A 273 19.64 19.59 6.05
CA GLY A 273 20.54 18.45 5.91
C GLY A 273 20.60 17.55 7.15
N GLN A 274 19.63 17.70 8.06
CA GLN A 274 19.52 16.86 9.27
C GLN A 274 19.32 15.39 8.87
N GLU A 275 20.14 14.47 9.38
CA GLU A 275 20.01 13.03 9.06
C GLU A 275 18.73 12.41 9.65
N ILE A 276 17.98 11.63 8.82
CA ILE A 276 16.82 10.93 9.36
C ILE A 276 17.07 9.40 9.39
N ASN A 277 17.79 8.86 8.38
CA ASN A 277 18.16 7.43 8.26
C ASN A 277 19.49 7.28 7.55
N ARG A 278 20.18 6.18 7.82
CA ARG A 278 21.34 5.71 7.06
C ARG A 278 21.16 4.18 6.86
N GLY A 279 21.68 3.66 5.77
CA GLY A 279 21.55 2.23 5.48
C GLY A 279 22.48 1.72 4.43
N THR A 280 22.42 0.40 4.18
CA THR A 280 23.20 -0.31 3.15
C THR A 280 22.30 -1.33 2.45
N THR A 281 22.57 -1.55 1.17
CA THR A 281 21.85 -2.57 0.40
C THR A 281 22.86 -3.45 -0.36
N LEU A 282 22.50 -4.71 -0.56
CA LEU A 282 23.33 -5.66 -1.31
C LEU A 282 22.42 -6.25 -2.39
N TRP A 283 22.86 -6.18 -3.64
CA TRP A 283 22.06 -6.66 -4.77
C TRP A 283 22.80 -7.76 -5.54
N ARG A 284 22.06 -8.75 -6.08
CA ARG A 284 22.68 -9.79 -6.88
C ARG A 284 22.10 -9.79 -8.30
N LYS A 285 22.96 -10.01 -9.30
CA LYS A 285 22.54 -10.00 -10.71
C LYS A 285 21.50 -11.09 -10.97
N LYS A 286 20.44 -10.77 -11.73
CA LYS A 286 19.41 -11.75 -12.05
C LYS A 286 19.95 -12.84 -12.99
N GLY B 2 -10.99 -16.72 -2.53
CA GLY B 2 -11.97 -16.18 -3.47
C GLY B 2 -12.50 -17.25 -4.40
N SER B 3 -13.71 -17.02 -4.95
CA SER B 3 -14.29 -18.01 -5.85
C SER B 3 -15.39 -17.45 -6.68
N LEU B 4 -15.57 -17.99 -7.89
CA LEU B 4 -16.72 -17.68 -8.75
C LEU B 4 -17.99 -18.15 -8.02
N THR B 5 -19.09 -17.45 -8.19
CA THR B 5 -20.37 -17.87 -7.61
C THR B 5 -20.90 -19.11 -8.37
N GLU B 6 -22.01 -19.70 -7.89
CA GLU B 6 -22.64 -20.88 -8.45
C GLU B 6 -22.87 -20.80 -9.97
N ASP B 7 -23.45 -19.70 -10.46
CA ASP B 7 -23.71 -19.56 -11.89
C ASP B 7 -22.47 -19.22 -12.75
N GLY B 8 -21.33 -18.93 -12.11
CA GLY B 8 -20.10 -18.59 -12.79
C GLY B 8 -20.10 -17.20 -13.42
N LEU B 9 -21.10 -16.35 -13.09
CA LEU B 9 -21.22 -15.01 -13.67
C LEU B 9 -20.76 -13.87 -12.75
N SER B 10 -20.25 -14.19 -11.55
CA SER B 10 -19.69 -13.18 -10.64
C SER B 10 -18.68 -13.84 -9.72
N TYR B 11 -17.91 -13.03 -8.98
CA TYR B 11 -16.81 -13.52 -8.17
C TYR B 11 -16.84 -12.88 -6.79
N LYS B 12 -16.55 -13.66 -5.73
CA LYS B 12 -16.53 -13.12 -4.38
C LYS B 12 -15.21 -13.42 -3.71
N GLU B 13 -14.79 -12.52 -2.84
CA GLU B 13 -13.56 -12.69 -2.09
C GLU B 13 -13.67 -11.96 -0.74
N LYS B 14 -13.11 -12.55 0.30
CA LYS B 14 -13.09 -11.95 1.62
C LYS B 14 -11.71 -11.42 1.96
N PHE B 15 -11.65 -10.27 2.64
CA PHE B 15 -10.40 -9.62 3.04
C PHE B 15 -10.47 -9.18 4.50
N VAL B 16 -9.37 -9.34 5.24
CA VAL B 16 -9.26 -8.91 6.63
C VAL B 16 -8.54 -7.58 6.58
N VAL B 17 -9.16 -6.51 7.07
CA VAL B 17 -8.53 -5.19 7.01
C VAL B 17 -7.21 -5.15 7.85
N ARG B 18 -6.09 -4.75 7.21
CA ARG B 18 -4.74 -4.72 7.82
C ARG B 18 -4.41 -3.46 8.59
N SER B 19 -3.48 -3.55 9.56
CA SER B 19 -3.04 -2.40 10.38
C SER B 19 -2.59 -1.17 9.57
N TYR B 20 -1.77 -1.38 8.51
CA TYR B 20 -1.29 -0.27 7.67
C TYR B 20 -2.34 0.21 6.64
N GLU B 21 -3.48 -0.47 6.53
CA GLU B 21 -4.53 -0.09 5.58
C GLU B 21 -5.52 0.92 6.16
N VAL B 22 -5.42 1.26 7.46
CA VAL B 22 -6.39 2.16 8.08
C VAL B 22 -5.83 3.54 8.35
N GLY B 23 -6.73 4.53 8.44
CA GLY B 23 -6.38 5.92 8.76
C GLY B 23 -6.53 6.22 10.24
N SER B 24 -6.61 7.52 10.60
CA SER B 24 -6.66 7.95 12.01
C SER B 24 -7.93 7.48 12.80
N ASN B 25 -9.02 7.13 12.11
CA ASN B 25 -10.22 6.60 12.78
C ASN B 25 -10.20 5.04 12.93
N LYS B 26 -9.07 4.38 12.56
CA LYS B 26 -8.92 2.93 12.63
C LYS B 26 -9.88 2.19 11.69
N THR B 27 -10.28 2.85 10.58
CA THR B 27 -11.09 2.22 9.52
C THR B 27 -10.33 2.34 8.20
N ALA B 28 -10.57 1.42 7.23
CA ALA B 28 -9.88 1.42 5.95
C ALA B 28 -10.00 2.75 5.22
N THR B 29 -8.91 3.22 4.59
CA THR B 29 -8.99 4.45 3.80
C THR B 29 -9.73 4.13 2.46
N VAL B 30 -10.13 5.17 1.70
CA VAL B 30 -10.74 4.94 0.39
C VAL B 30 -9.70 4.33 -0.58
N GLU B 31 -8.39 4.59 -0.38
CA GLU B 31 -7.36 3.99 -1.25
C GLU B 31 -7.25 2.50 -0.98
N THR B 32 -7.40 2.07 0.29
CA THR B 32 -7.40 0.65 0.62
C THR B 32 -8.62 -0.02 -0.05
N ILE B 33 -9.79 0.61 0.01
CA ILE B 33 -10.99 0.09 -0.65
C ILE B 33 -10.75 -0.05 -2.15
N ALA B 34 -10.23 1.01 -2.80
CA ALA B 34 -9.93 0.99 -4.24
C ALA B 34 -8.90 -0.14 -4.60
N ASN B 35 -7.88 -0.37 -3.74
CA ASN B 35 -6.90 -1.43 -3.96
C ASN B 35 -7.58 -2.82 -3.88
N LEU B 36 -8.50 -3.00 -2.92
CA LEU B 36 -9.23 -4.25 -2.77
C LEU B 36 -10.17 -4.50 -3.96
N LEU B 37 -10.80 -3.44 -4.48
CA LEU B 37 -11.65 -3.57 -5.69
C LEU B 37 -10.79 -4.07 -6.87
N GLN B 38 -9.59 -3.50 -7.01
CA GLN B 38 -8.69 -3.87 -8.09
C GLN B 38 -8.25 -5.34 -7.94
N GLU B 39 -7.90 -5.76 -6.71
CA GLU B 39 -7.47 -7.12 -6.41
C GLU B 39 -8.56 -8.16 -6.74
N VAL B 40 -9.80 -7.90 -6.31
CA VAL B 40 -10.89 -8.83 -6.59
C VAL B 40 -11.22 -8.87 -8.12
N GLY B 41 -11.06 -7.74 -8.81
CA GLY B 41 -11.23 -7.69 -10.26
C GLY B 41 -10.20 -8.56 -10.96
N CYS B 42 -8.91 -8.46 -10.54
CA CYS B 42 -7.83 -9.28 -11.09
C CYS B 42 -8.09 -10.77 -10.84
N ASN B 43 -8.53 -11.13 -9.62
CA ASN B 43 -8.79 -12.53 -9.27
C ASN B 43 -9.98 -13.09 -10.08
N HIS B 44 -10.99 -12.26 -10.39
CA HIS B 44 -12.11 -12.67 -11.24
C HIS B 44 -11.61 -12.95 -12.69
N ALA B 45 -10.81 -12.05 -13.28
CA ALA B 45 -10.27 -12.26 -14.63
C ALA B 45 -9.43 -13.55 -14.70
N GLN B 46 -8.62 -13.79 -13.69
CA GLN B 46 -7.78 -14.99 -13.61
C GLN B 46 -8.62 -16.28 -13.52
N SER B 47 -9.68 -16.25 -12.71
CA SER B 47 -10.53 -17.42 -12.52
C SER B 47 -11.26 -17.84 -13.79
N VAL B 48 -11.49 -16.91 -14.74
CA VAL B 48 -12.21 -17.25 -15.96
C VAL B 48 -11.29 -17.33 -17.20
N GLY B 49 -10.00 -17.56 -16.98
CA GLY B 49 -9.07 -17.77 -18.09
C GLY B 49 -8.24 -16.63 -18.63
N PHE B 50 -8.46 -15.39 -18.18
CA PHE B 50 -7.68 -14.25 -18.68
C PHE B 50 -6.35 -14.12 -17.94
N ALA B 56 -7.14 -8.12 -18.23
CA ALA B 56 -8.24 -8.95 -18.68
C ALA B 56 -8.30 -8.98 -20.22
N THR B 57 -7.14 -9.17 -20.88
CA THR B 57 -7.09 -9.20 -22.33
C THR B 57 -7.53 -10.55 -22.87
N THR B 58 -8.44 -10.54 -23.85
CA THR B 58 -8.93 -11.74 -24.51
C THR B 58 -7.89 -12.21 -25.56
N THR B 59 -8.11 -13.37 -26.19
CA THR B 59 -7.21 -13.91 -27.21
C THR B 59 -7.08 -12.93 -28.38
N THR B 60 -8.21 -12.41 -28.87
CA THR B 60 -8.25 -11.46 -29.99
C THR B 60 -7.59 -10.12 -29.61
N MET B 61 -7.74 -9.68 -28.36
CA MET B 61 -7.11 -8.44 -27.91
C MET B 61 -5.57 -8.54 -27.96
N ARG B 62 -4.99 -9.66 -27.47
CA ARG B 62 -3.54 -9.88 -27.48
C ARG B 62 -2.90 -9.78 -28.87
N LYS B 63 -3.53 -10.38 -29.88
CA LYS B 63 -3.03 -10.35 -31.25
C LYS B 63 -3.05 -8.90 -31.77
N LEU B 64 -4.18 -8.19 -31.59
CA LEU B 64 -4.31 -6.79 -32.03
C LEU B 64 -3.62 -5.76 -31.10
N HIS B 65 -2.92 -6.20 -30.04
CA HIS B 65 -2.25 -5.31 -29.09
C HIS B 65 -3.24 -4.31 -28.41
N LEU B 66 -4.44 -4.78 -28.10
CA LEU B 66 -5.48 -3.98 -27.47
C LEU B 66 -5.53 -4.25 -25.96
N ILE B 67 -5.80 -3.22 -25.16
CA ILE B 67 -5.94 -3.34 -23.71
C ILE B 67 -7.19 -2.58 -23.22
N TRP B 68 -7.69 -2.95 -22.03
CA TRP B 68 -8.76 -2.22 -21.36
C TRP B 68 -8.10 -1.15 -20.49
N VAL B 69 -8.61 0.07 -20.51
CA VAL B 69 -8.13 1.19 -19.72
C VAL B 69 -9.35 1.81 -18.97
N THR B 70 -9.17 2.25 -17.72
CA THR B 70 -10.27 2.87 -16.96
C THR B 70 -10.56 4.27 -17.47
N ALA B 71 -11.81 4.54 -17.80
CA ALA B 71 -12.24 5.88 -18.21
C ALA B 71 -12.85 6.61 -17.01
N ARG B 72 -13.59 5.88 -16.15
CA ARG B 72 -14.27 6.46 -14.99
C ARG B 72 -14.37 5.43 -13.86
N MET B 73 -14.25 5.90 -12.60
CA MET B 73 -14.38 5.10 -11.37
C MET B 73 -15.35 5.88 -10.46
N HIS B 74 -16.33 5.18 -9.87
CA HIS B 74 -17.30 5.80 -8.99
C HIS B 74 -17.47 4.90 -7.75
N ILE B 75 -17.17 5.42 -6.56
CA ILE B 75 -17.27 4.66 -5.32
C ILE B 75 -18.17 5.37 -4.25
N GLU B 76 -19.08 4.61 -3.63
N GLU B 76 -19.08 4.61 -3.63
N GLU B 76 -19.08 4.61 -3.63
CA GLU B 76 -19.92 5.12 -2.55
CA GLU B 76 -19.94 5.10 -2.56
CA GLU B 76 -19.91 5.13 -2.55
C GLU B 76 -19.76 4.22 -1.33
C GLU B 76 -19.77 4.22 -1.32
C GLU B 76 -19.77 4.22 -1.33
N ILE B 77 -19.32 4.79 -0.21
CA ILE B 77 -19.10 4.04 1.03
C ILE B 77 -20.08 4.53 2.11
N TYR B 78 -20.84 3.59 2.70
CA TYR B 78 -21.77 3.87 3.81
C TYR B 78 -21.03 3.70 5.15
N LYS B 79 -20.21 2.65 5.25
CA LYS B 79 -19.42 2.38 6.46
C LYS B 79 -18.07 1.84 6.02
N TYR B 80 -16.99 2.42 6.51
CA TYR B 80 -15.65 1.90 6.20
C TYR B 80 -15.36 0.77 7.18
N PRO B 81 -14.86 -0.39 6.74
CA PRO B 81 -14.58 -1.48 7.69
C PRO B 81 -13.44 -1.13 8.62
N ALA B 82 -13.53 -1.54 9.88
CA ALA B 82 -12.50 -1.27 10.86
C ALA B 82 -11.31 -2.26 10.69
N TRP B 83 -10.16 -1.90 11.26
CA TRP B 83 -8.96 -2.73 11.33
C TRP B 83 -9.33 -4.11 12.00
N GLY B 84 -9.05 -5.20 11.32
CA GLY B 84 -9.38 -6.53 11.82
C GLY B 84 -10.73 -7.06 11.34
N ASP B 85 -11.60 -6.19 10.80
CA ASP B 85 -12.89 -6.64 10.28
C ASP B 85 -12.72 -7.41 8.95
N VAL B 86 -13.69 -8.28 8.63
CA VAL B 86 -13.66 -9.02 7.39
C VAL B 86 -14.71 -8.42 6.48
N VAL B 87 -14.31 -8.03 5.28
CA VAL B 87 -15.21 -7.47 4.28
C VAL B 87 -15.34 -8.47 3.10
N GLU B 88 -16.55 -8.67 2.58
CA GLU B 88 -16.73 -9.55 1.43
C GLU B 88 -17.07 -8.70 0.21
N ILE B 89 -16.34 -8.88 -0.88
CA ILE B 89 -16.56 -8.07 -2.07
C ILE B 89 -17.01 -8.94 -3.23
N GLU B 90 -18.15 -8.61 -3.85
CA GLU B 90 -18.64 -9.33 -5.01
C GLU B 90 -18.42 -8.44 -6.25
N THR B 91 -17.92 -9.02 -7.33
CA THR B 91 -17.67 -8.29 -8.57
C THR B 91 -18.19 -9.03 -9.80
N TRP B 92 -18.52 -8.27 -10.83
CA TRP B 92 -18.97 -8.80 -12.10
C TRP B 92 -18.77 -7.74 -13.20
N CYS B 93 -18.77 -8.19 -14.45
CA CYS B 93 -18.61 -7.30 -15.59
C CYS B 93 -19.82 -7.36 -16.51
N GLN B 94 -20.04 -6.30 -17.27
CA GLN B 94 -21.10 -6.27 -18.27
C GLN B 94 -20.61 -5.51 -19.49
N SER B 95 -21.06 -5.96 -20.64
CA SER B 95 -20.77 -5.33 -21.92
C SER B 95 -21.66 -4.08 -22.02
N GLU B 96 -21.13 -2.99 -22.57
CA GLU B 96 -21.92 -1.79 -22.82
C GLU B 96 -21.87 -1.50 -24.32
N GLY B 97 -22.24 -2.51 -25.11
CA GLY B 97 -22.25 -2.41 -26.56
C GLY B 97 -20.88 -2.10 -27.13
N ARG B 98 -20.81 -1.23 -28.13
CA ARG B 98 -19.53 -0.86 -28.74
C ARG B 98 -18.71 0.14 -27.92
N ILE B 99 -19.29 0.77 -26.88
CA ILE B 99 -18.57 1.79 -26.13
C ILE B 99 -17.41 1.19 -25.32
N GLY B 100 -17.67 0.07 -24.71
CA GLY B 100 -16.70 -0.57 -23.84
C GLY B 100 -17.37 -1.50 -22.86
N THR B 101 -16.75 -1.67 -21.71
CA THR B 101 -17.25 -2.55 -20.67
C THR B 101 -17.39 -1.83 -19.33
N ARG B 102 -18.10 -2.45 -18.41
CA ARG B 102 -18.32 -1.92 -17.08
C ARG B 102 -17.98 -3.03 -16.08
N ARG B 103 -17.32 -2.68 -14.97
CA ARG B 103 -17.10 -3.63 -13.90
C ARG B 103 -17.76 -2.98 -12.69
N ASP B 104 -18.59 -3.76 -11.96
CA ASP B 104 -19.26 -3.30 -10.75
C ASP B 104 -18.83 -4.11 -9.53
N TRP B 105 -19.00 -3.52 -8.35
CA TRP B 105 -18.65 -4.18 -7.10
C TRP B 105 -19.71 -3.86 -6.01
N ILE B 106 -19.93 -4.79 -5.08
CA ILE B 106 -20.75 -4.65 -3.90
C ILE B 106 -19.87 -5.08 -2.71
N LEU B 107 -19.75 -4.22 -1.70
N LEU B 107 -19.76 -4.22 -1.69
N LEU B 107 -19.75 -4.22 -1.70
CA LEU B 107 -18.97 -4.51 -0.50
CA LEU B 107 -18.97 -4.51 -0.50
CA LEU B 107 -18.97 -4.51 -0.50
C LEU B 107 -19.94 -4.81 0.63
C LEU B 107 -19.94 -4.81 0.63
C LEU B 107 -19.94 -4.81 0.63
N LYS B 108 -19.69 -5.90 1.38
CA LYS B 108 -20.55 -6.28 2.49
C LYS B 108 -19.74 -6.56 3.75
N ASP B 109 -20.34 -6.32 4.90
CA ASP B 109 -19.77 -6.65 6.19
C ASP B 109 -19.94 -8.18 6.27
N SER B 110 -18.86 -8.93 6.47
CA SER B 110 -18.94 -10.40 6.49
C SER B 110 -19.75 -10.98 7.66
N VAL B 111 -19.79 -10.28 8.80
CA VAL B 111 -20.53 -10.74 9.96
C VAL B 111 -22.05 -10.45 9.84
N THR B 112 -22.40 -9.21 9.48
CA THR B 112 -23.81 -8.83 9.39
C THR B 112 -24.46 -9.12 8.04
N GLY B 113 -23.65 -9.23 6.98
CA GLY B 113 -24.17 -9.43 5.64
C GLY B 113 -24.74 -8.15 5.01
N GLU B 114 -24.62 -7.00 5.72
CA GLU B 114 -25.15 -5.75 5.20
C GLU B 114 -24.22 -5.08 4.18
N VAL B 115 -24.80 -4.43 3.17
CA VAL B 115 -24.07 -3.70 2.15
C VAL B 115 -23.45 -2.46 2.78
N THR B 116 -22.12 -2.38 2.77
CA THR B 116 -21.42 -1.23 3.34
C THR B 116 -20.82 -0.30 2.25
N GLY B 117 -20.88 -0.71 1.00
CA GLY B 117 -20.42 0.08 -0.11
C GLY B 117 -20.73 -0.49 -1.47
N ARG B 118 -20.60 0.33 -2.50
N ARG B 118 -20.60 0.33 -2.50
N ARG B 118 -20.58 0.33 -2.50
CA ARG B 118 -20.80 -0.09 -3.87
CA ARG B 118 -20.80 -0.09 -3.87
CA ARG B 118 -20.78 -0.10 -3.87
C ARG B 118 -19.93 0.74 -4.82
C ARG B 118 -19.93 0.74 -4.82
C ARG B 118 -19.90 0.73 -4.81
N ALA B 119 -19.50 0.12 -5.92
CA ALA B 119 -18.65 0.81 -6.88
C ALA B 119 -18.96 0.39 -8.31
N THR B 120 -18.62 1.25 -9.25
CA THR B 120 -18.82 1.01 -10.66
C THR B 120 -17.69 1.68 -11.43
N SER B 121 -17.29 1.06 -12.54
CA SER B 121 -16.20 1.60 -13.35
C SER B 121 -16.48 1.35 -14.84
N LYS B 122 -16.13 2.32 -15.70
CA LYS B 122 -16.28 2.24 -17.15
C LYS B 122 -14.89 2.06 -17.76
N TRP B 123 -14.75 1.07 -18.64
CA TRP B 123 -13.50 0.72 -19.29
C TRP B 123 -13.65 0.83 -20.82
N VAL B 124 -12.61 1.33 -21.48
CA VAL B 124 -12.60 1.49 -22.94
C VAL B 124 -11.42 0.72 -23.55
N MET B 125 -11.56 0.30 -24.80
CA MET B 125 -10.52 -0.46 -25.47
C MET B 125 -9.52 0.53 -26.08
N MET B 126 -8.22 0.25 -25.92
CA MET B 126 -7.19 1.14 -26.42
C MET B 126 -6.02 0.35 -27.02
N ASN B 127 -5.37 0.89 -28.09
CA ASN B 127 -4.18 0.24 -28.63
C ASN B 127 -3.06 0.55 -27.64
N GLN B 128 -2.40 -0.47 -27.08
CA GLN B 128 -1.37 -0.24 -26.05
C GLN B 128 -0.15 0.60 -26.49
N ASP B 129 0.16 0.62 -27.79
CA ASP B 129 1.32 1.34 -28.34
C ASP B 129 1.01 2.78 -28.76
N THR B 130 -0.01 2.99 -29.62
CA THR B 130 -0.37 4.33 -30.07
C THR B 130 -1.21 5.12 -29.07
N ARG B 131 -1.82 4.42 -28.09
CA ARG B 131 -2.72 4.98 -27.08
C ARG B 131 -4.03 5.49 -27.66
N ARG B 132 -4.42 4.98 -28.85
CA ARG B 132 -5.65 5.38 -29.51
C ARG B 132 -6.81 4.49 -29.13
N LEU B 133 -7.95 5.11 -28.78
CA LEU B 133 -9.15 4.39 -28.36
C LEU B 133 -9.85 3.73 -29.51
N GLN B 134 -10.57 2.65 -29.23
CA GLN B 134 -11.25 1.88 -30.27
C GLN B 134 -12.57 1.30 -29.76
N LYS B 135 -13.60 1.30 -30.60
CA LYS B 135 -14.89 0.69 -30.25
C LYS B 135 -14.74 -0.85 -30.19
N VAL B 136 -15.57 -1.52 -29.39
CA VAL B 136 -15.52 -2.97 -29.22
C VAL B 136 -16.08 -3.75 -30.42
N SER B 137 -15.25 -4.59 -31.06
CA SER B 137 -15.69 -5.40 -32.21
C SER B 137 -16.50 -6.65 -31.77
N ASP B 138 -17.20 -7.30 -32.72
CA ASP B 138 -17.96 -8.52 -32.46
C ASP B 138 -17.09 -9.63 -31.90
N ASP B 139 -15.89 -9.85 -32.49
CA ASP B 139 -14.99 -10.91 -32.04
C ASP B 139 -14.60 -10.72 -30.57
N VAL B 140 -14.24 -9.49 -30.15
CA VAL B 140 -13.87 -9.20 -28.75
C VAL B 140 -15.02 -9.52 -27.81
N ARG B 141 -16.22 -8.96 -28.10
CA ARG B 141 -17.41 -9.38 -27.35
C ARG B 141 -17.75 -10.82 -27.88
N ASP B 142 -18.57 -11.59 -27.20
CA ASP B 142 -18.83 -13.00 -27.57
C ASP B 142 -17.75 -13.76 -26.82
N GLU B 143 -16.46 -13.42 -27.04
CA GLU B 143 -15.34 -13.97 -26.27
C GLU B 143 -15.46 -13.51 -24.80
N TYR B 144 -15.94 -12.28 -24.59
CA TYR B 144 -16.13 -11.63 -23.29
C TYR B 144 -17.53 -11.91 -22.69
N LEU B 145 -18.56 -11.89 -23.54
CA LEU B 145 -19.97 -12.06 -23.15
C LEU B 145 -20.34 -13.36 -22.43
N VAL B 146 -19.62 -14.48 -22.66
CA VAL B 146 -19.92 -15.74 -21.96
C VAL B 146 -19.56 -15.73 -20.45
N PHE B 147 -18.87 -14.68 -19.99
CA PHE B 147 -18.45 -14.48 -18.60
C PHE B 147 -19.27 -13.37 -17.88
N CYS B 148 -20.28 -12.80 -18.55
CA CYS B 148 -21.09 -11.70 -18.06
C CYS B 148 -22.55 -12.10 -17.95
N PRO B 149 -23.28 -11.52 -16.98
CA PRO B 149 -24.74 -11.71 -16.95
C PRO B 149 -25.33 -11.05 -18.22
N GLN B 150 -26.35 -11.65 -18.83
CA GLN B 150 -26.92 -11.11 -20.07
C GLN B 150 -27.97 -10.03 -19.78
N GLU B 151 -28.76 -10.24 -18.73
CA GLU B 151 -29.70 -9.24 -18.28
C GLU B 151 -28.92 -8.19 -17.45
N PRO B 152 -29.32 -6.92 -17.52
CA PRO B 152 -28.63 -5.89 -16.72
C PRO B 152 -28.57 -6.20 -15.22
N ARG B 153 -27.39 -5.98 -14.65
CA ARG B 153 -27.15 -6.15 -13.23
C ARG B 153 -26.31 -4.92 -12.84
N LEU B 154 -26.93 -3.97 -12.13
CA LEU B 154 -26.26 -2.70 -11.82
C LEU B 154 -26.00 -2.49 -10.34
N ALA B 155 -24.77 -2.11 -9.98
CA ALA B 155 -24.48 -1.75 -8.59
C ALA B 155 -25.21 -0.41 -8.29
N PHE B 156 -25.33 0.48 -9.27
CA PHE B 156 -26.06 1.75 -9.16
C PHE B 156 -27.22 1.77 -10.13
N PRO B 157 -28.32 1.08 -9.79
CA PRO B 157 -29.46 1.06 -10.70
C PRO B 157 -30.24 2.37 -10.81
N GLU B 158 -30.56 3.06 -9.69
CA GLU B 158 -31.34 4.33 -9.68
C GLU B 158 -31.23 5.22 -10.93
N GLU B 159 -32.38 5.76 -11.40
CA GLU B 159 -32.34 6.67 -12.55
C GLU B 159 -31.73 8.00 -12.06
N ASN B 160 -30.91 8.65 -12.89
CA ASN B 160 -30.23 9.89 -12.52
C ASN B 160 -29.34 9.75 -11.27
N ASN B 161 -28.64 8.62 -11.17
CA ASN B 161 -27.69 8.37 -10.08
C ASN B 161 -26.39 9.18 -10.29
N ARG B 162 -25.59 9.33 -9.22
CA ARG B 162 -24.34 10.10 -9.24
C ARG B 162 -23.25 9.56 -10.17
N SER B 163 -23.24 8.24 -10.44
CA SER B 163 -22.21 7.60 -11.27
C SER B 163 -22.21 8.00 -12.75
N LEU B 164 -23.28 8.64 -13.22
CA LEU B 164 -23.38 9.07 -14.62
C LEU B 164 -23.44 10.61 -14.78
N LYS B 165 -23.07 11.37 -13.73
CA LYS B 165 -23.10 12.83 -13.78
C LYS B 165 -21.94 13.40 -14.60
N LYS B 166 -22.18 14.45 -15.39
CA LYS B 166 -21.11 15.07 -16.16
C LYS B 166 -20.26 15.93 -15.21
N ILE B 167 -18.92 15.89 -15.31
CA ILE B 167 -18.06 16.66 -14.40
C ILE B 167 -17.41 17.87 -15.10
N PRO B 168 -17.63 19.08 -14.60
CA PRO B 168 -17.04 20.26 -15.25
C PRO B 168 -15.54 20.45 -14.95
N LYS B 169 -14.90 21.32 -15.73
CA LYS B 169 -13.48 21.59 -15.51
C LYS B 169 -13.32 22.73 -14.51
N LEU B 170 -12.51 22.51 -13.45
CA LEU B 170 -12.22 23.48 -12.41
C LEU B 170 -11.56 24.72 -13.04
N GLU B 171 -12.02 25.92 -12.66
CA GLU B 171 -11.45 27.16 -13.21
C GLU B 171 -10.45 27.78 -12.25
N ASP B 172 -9.34 28.30 -12.79
CA ASP B 172 -8.34 28.98 -11.95
C ASP B 172 -8.96 30.34 -11.49
N PRO B 173 -8.73 30.76 -10.25
CA PRO B 173 -7.88 30.11 -9.24
C PRO B 173 -8.60 29.01 -8.45
N ALA B 174 -7.85 27.97 -8.06
CA ALA B 174 -8.40 26.90 -7.24
C ALA B 174 -8.46 27.40 -5.78
N GLN B 175 -9.44 26.91 -5.00
CA GLN B 175 -9.53 27.31 -3.60
C GLN B 175 -8.39 26.70 -2.80
N TYR B 176 -8.08 25.42 -3.07
CA TYR B 176 -7.03 24.66 -2.40
C TYR B 176 -6.11 23.97 -3.44
N SER B 177 -4.86 23.67 -3.07
CA SER B 177 -3.96 22.96 -3.97
C SER B 177 -2.83 22.22 -3.24
N MET B 178 -2.25 21.22 -3.89
CA MET B 178 -1.07 20.49 -3.42
C MET B 178 -0.24 20.32 -4.70
N ILE B 179 0.93 20.93 -4.77
CA ILE B 179 1.70 20.97 -6.00
C ILE B 179 2.93 20.08 -6.00
N GLY B 180 3.41 19.70 -7.18
CA GLY B 180 4.63 18.93 -7.30
C GLY B 180 4.56 17.48 -6.87
N LEU B 181 3.38 16.86 -6.91
CA LEU B 181 3.23 15.46 -6.54
C LEU B 181 3.92 14.53 -7.56
N LYS B 182 4.76 13.61 -7.08
CA LYS B 182 5.47 12.72 -7.98
C LYS B 182 5.44 11.28 -7.49
N PRO B 183 5.25 10.33 -8.44
CA PRO B 183 5.18 8.93 -8.02
C PRO B 183 6.53 8.37 -7.60
N ARG B 184 6.51 7.43 -6.65
CA ARG B 184 7.72 6.68 -6.33
C ARG B 184 7.52 5.24 -6.92
N ARG B 185 8.50 4.34 -6.79
CA ARG B 185 8.36 2.99 -7.38
C ARG B 185 7.16 2.23 -6.83
N ALA B 186 6.81 2.41 -5.54
CA ALA B 186 5.64 1.76 -4.93
C ALA B 186 4.32 2.14 -5.60
N ASP B 187 4.28 3.30 -6.26
CA ASP B 187 3.09 3.77 -6.99
C ASP B 187 2.93 3.09 -8.37
N LEU B 188 3.90 2.31 -8.83
CA LEU B 188 3.82 1.68 -10.16
C LEU B 188 3.25 0.26 -10.07
N ASP B 189 2.52 -0.17 -11.10
CA ASP B 189 2.03 -1.55 -11.18
C ASP B 189 3.11 -2.45 -11.84
N MET B 190 2.83 -3.76 -11.97
CA MET B 190 3.76 -4.72 -12.56
C MET B 190 4.15 -4.34 -14.02
N ASN B 191 3.30 -3.55 -14.72
CA ASN B 191 3.59 -3.12 -16.09
C ASN B 191 4.34 -1.77 -16.16
N GLN B 192 4.78 -1.22 -15.03
CA GLN B 192 5.51 0.04 -14.94
C GLN B 192 4.65 1.25 -15.36
N HIS B 193 3.38 1.18 -15.05
CA HIS B 193 2.42 2.25 -15.23
C HIS B 193 1.99 2.69 -13.83
N VAL B 194 1.65 3.96 -13.64
CA VAL B 194 1.19 4.44 -12.34
C VAL B 194 -0.16 3.74 -12.01
N ASN B 195 -0.25 3.12 -10.81
CA ASN B 195 -1.47 2.44 -10.35
C ASN B 195 -2.65 3.43 -10.34
N ASN B 196 -3.83 3.04 -10.81
CA ASN B 196 -5.01 3.93 -10.83
C ASN B 196 -5.36 4.52 -9.46
N VAL B 197 -5.07 3.79 -8.37
CA VAL B 197 -5.38 4.19 -7.01
C VAL B 197 -4.51 5.39 -6.57
N THR B 198 -3.29 5.53 -7.12
CA THR B 198 -2.43 6.67 -6.84
C THR B 198 -3.14 7.99 -7.22
N TYR B 199 -3.87 7.99 -8.36
CA TYR B 199 -4.58 9.19 -8.79
C TYR B 199 -5.66 9.58 -7.76
N ILE B 200 -6.32 8.58 -7.12
CA ILE B 200 -7.31 8.83 -6.06
C ILE B 200 -6.60 9.52 -4.87
N GLY B 201 -5.43 9.02 -4.47
CA GLY B 201 -4.65 9.65 -3.41
C GLY B 201 -4.26 11.08 -3.74
N TRP B 202 -3.76 11.32 -4.97
CA TRP B 202 -3.35 12.64 -5.42
C TRP B 202 -4.53 13.60 -5.42
N VAL B 203 -5.73 13.15 -5.87
CA VAL B 203 -6.94 13.99 -5.84
C VAL B 203 -7.22 14.48 -4.39
N LEU B 204 -7.20 13.52 -3.44
CA LEU B 204 -7.47 13.75 -2.04
C LEU B 204 -6.41 14.62 -1.34
N GLU B 205 -5.19 14.68 -1.88
CA GLU B 205 -4.12 15.48 -1.31
C GLU B 205 -4.48 16.96 -1.12
N SER B 206 -5.27 17.55 -2.05
CA SER B 206 -5.62 18.96 -1.91
C SER B 206 -6.86 19.23 -1.03
N ILE B 207 -7.51 18.20 -0.47
CA ILE B 207 -8.60 18.43 0.49
C ILE B 207 -7.90 18.83 1.80
N PRO B 208 -8.33 19.94 2.45
CA PRO B 208 -7.68 20.36 3.70
C PRO B 208 -7.78 19.31 4.81
N GLN B 209 -6.74 19.23 5.64
CA GLN B 209 -6.68 18.25 6.73
C GLN B 209 -7.86 18.39 7.71
N GLU B 210 -8.34 19.62 7.94
CA GLU B 210 -9.49 19.89 8.82
C GLU B 210 -10.73 19.14 8.32
N ILE B 211 -10.93 19.09 7.00
CA ILE B 211 -12.06 18.38 6.42
C ILE B 211 -11.88 16.89 6.64
N VAL B 212 -10.69 16.36 6.40
CA VAL B 212 -10.39 14.93 6.62
C VAL B 212 -10.63 14.54 8.09
N ASP B 213 -10.20 15.38 9.03
CA ASP B 213 -10.36 15.14 10.47
C ASP B 213 -11.80 15.15 11.00
N THR B 214 -12.70 15.93 10.36
CA THR B 214 -14.07 16.07 10.84
C THR B 214 -15.14 15.46 9.93
N HIS B 215 -14.76 15.01 8.72
CA HIS B 215 -15.71 14.44 7.77
C HIS B 215 -15.31 13.05 7.31
N GLU B 216 -16.26 12.28 6.79
CA GLU B 216 -15.98 11.01 6.18
C GLU B 216 -16.34 11.11 4.71
N LEU B 217 -15.48 10.57 3.85
CA LEU B 217 -15.73 10.59 2.41
C LEU B 217 -16.85 9.60 2.08
N GLN B 218 -17.95 10.11 1.54
CA GLN B 218 -19.10 9.28 1.20
C GLN B 218 -19.08 8.84 -0.28
N VAL B 219 -18.78 9.77 -1.20
CA VAL B 219 -18.80 9.47 -2.64
C VAL B 219 -17.60 10.11 -3.33
N ILE B 220 -16.99 9.38 -4.27
CA ILE B 220 -15.94 9.88 -5.15
C ILE B 220 -16.21 9.42 -6.58
N THR B 221 -16.18 10.36 -7.53
CA THR B 221 -16.31 10.06 -8.95
C THR B 221 -15.06 10.63 -9.61
N LEU B 222 -14.32 9.81 -10.35
CA LEU B 222 -13.10 10.24 -11.01
C LEU B 222 -13.08 9.86 -12.50
N ASP B 223 -12.81 10.84 -13.39
CA ASP B 223 -12.63 10.67 -14.83
C ASP B 223 -11.13 10.61 -15.10
N TYR B 224 -10.68 9.63 -15.89
CA TYR B 224 -9.26 9.44 -16.22
C TYR B 224 -9.09 9.89 -17.69
N ARG B 225 -8.32 10.94 -17.91
CA ARG B 225 -8.13 11.52 -19.26
C ARG B 225 -6.80 11.19 -19.91
N ARG B 226 -5.75 11.17 -19.10
CA ARG B 226 -4.39 10.92 -19.57
C ARG B 226 -3.62 10.33 -18.38
N GLU B 227 -2.57 9.55 -18.66
CA GLU B 227 -1.72 8.97 -17.63
C GLU B 227 -0.58 9.90 -17.22
N CYS B 228 -0.08 9.74 -15.98
CA CYS B 228 1.10 10.42 -15.50
C CYS B 228 2.23 9.52 -16.05
N GLN B 229 2.98 10.01 -17.03
CA GLN B 229 4.05 9.26 -17.72
C GLN B 229 5.41 9.45 -17.06
N GLN B 230 6.45 8.76 -17.57
CA GLN B 230 7.82 8.90 -17.03
C GLN B 230 8.26 10.39 -16.87
N ASP B 231 8.69 10.76 -15.63
CA ASP B 231 9.19 12.08 -15.23
C ASP B 231 8.10 13.17 -15.08
N ASP B 232 6.83 12.81 -15.24
CA ASP B 232 5.75 13.78 -15.07
C ASP B 232 5.56 14.12 -13.56
N VAL B 233 5.18 15.35 -13.29
CA VAL B 233 4.90 15.87 -11.95
C VAL B 233 3.45 16.41 -12.00
N VAL B 234 2.65 16.19 -10.96
CA VAL B 234 1.23 16.51 -10.92
C VAL B 234 0.86 17.59 -9.89
N ASP B 235 -0.08 18.48 -10.26
CA ASP B 235 -0.66 19.46 -9.34
C ASP B 235 -2.10 19.02 -9.07
N SER B 236 -2.50 19.01 -7.79
CA SER B 236 -3.85 18.60 -7.35
C SER B 236 -4.60 19.88 -6.92
N LEU B 237 -5.75 20.17 -7.56
CA LEU B 237 -6.51 21.39 -7.32
C LEU B 237 -7.97 21.06 -6.86
N THR B 238 -8.49 21.79 -5.88
CA THR B 238 -9.80 21.53 -5.31
C THR B 238 -10.52 22.85 -5.01
N THR B 239 -11.83 22.89 -5.27
CA THR B 239 -12.66 24.04 -4.96
C THR B 239 -13.97 23.49 -4.39
N THR B 240 -14.43 24.08 -3.29
CA THR B 240 -15.70 23.65 -2.68
C THR B 240 -16.83 24.12 -3.57
N THR B 241 -17.79 23.23 -3.90
CA THR B 241 -18.95 23.62 -4.69
C THR B 241 -20.23 23.73 -3.86
N SER B 242 -20.25 23.18 -2.63
CA SER B 242 -21.44 23.26 -1.78
C SER B 242 -21.60 24.66 -1.13
N ASP B 260 -23.54 18.24 4.58
CA ASP B 260 -22.62 17.66 3.61
C ASP B 260 -21.75 18.73 2.92
N SER B 261 -20.57 18.35 2.45
CA SER B 261 -19.67 19.24 1.70
C SER B 261 -19.30 18.55 0.37
N GLN B 262 -19.41 19.27 -0.74
CA GLN B 262 -19.04 18.74 -2.06
C GLN B 262 -17.84 19.50 -2.59
N PHE B 263 -16.96 18.83 -3.35
CA PHE B 263 -15.79 19.48 -3.92
C PHE B 263 -15.64 19.11 -5.40
N LEU B 264 -15.05 20.00 -6.17
CA LEU B 264 -14.70 19.78 -7.56
C LEU B 264 -13.18 19.62 -7.57
N HIS B 265 -12.66 18.64 -8.31
CA HIS B 265 -11.24 18.34 -8.34
C HIS B 265 -10.66 18.36 -9.74
N LEU B 266 -9.39 18.70 -9.84
CA LEU B 266 -8.65 18.65 -11.09
C LEU B 266 -7.17 18.26 -10.85
N LEU B 267 -6.67 17.21 -11.56
CA LEU B 267 -5.25 16.86 -11.54
C LEU B 267 -4.70 17.32 -12.91
N ARG B 268 -3.58 18.03 -12.92
CA ARG B 268 -2.98 18.46 -14.17
C ARG B 268 -1.44 18.43 -14.08
N LEU B 269 -0.75 18.32 -15.23
CA LEU B 269 0.74 18.30 -15.22
C LEU B 269 1.29 19.64 -14.72
N SER B 270 2.30 19.61 -13.82
CA SER B 270 2.89 20.81 -13.22
C SER B 270 3.41 21.81 -14.19
N GLY B 271 3.97 21.32 -15.29
CA GLY B 271 4.54 22.20 -16.28
C GLY B 271 3.53 22.89 -17.17
N ASP B 272 3.03 22.16 -18.18
CA ASP B 272 2.13 22.75 -19.17
C ASP B 272 0.66 22.88 -18.77
N GLY B 273 0.26 22.30 -17.65
CA GLY B 273 -1.13 22.37 -17.22
C GLY B 273 -2.07 21.42 -17.97
N GLN B 274 -1.51 20.42 -18.64
CA GLN B 274 -2.28 19.38 -19.34
C GLN B 274 -3.15 18.59 -18.33
N GLU B 275 -4.45 18.47 -18.56
CA GLU B 275 -5.34 17.72 -17.67
C GLU B 275 -5.07 16.21 -17.67
N ILE B 276 -5.01 15.56 -16.48
CA ILE B 276 -4.85 14.11 -16.44
C ILE B 276 -6.13 13.45 -15.84
N ASN B 277 -6.79 14.11 -14.88
CA ASN B 277 -8.04 13.65 -14.24
C ASN B 277 -8.90 14.84 -13.82
N ARG B 278 -10.21 14.63 -13.73
CA ARG B 278 -11.15 15.53 -13.10
C ARG B 278 -12.11 14.65 -12.25
N GLY B 279 -12.62 15.21 -11.17
CA GLY B 279 -13.52 14.45 -10.29
C GLY B 279 -14.28 15.29 -9.32
N THR B 280 -15.16 14.63 -8.53
CA THR B 280 -15.98 15.24 -7.49
C THR B 280 -16.00 14.33 -6.25
N THR B 281 -16.10 14.94 -5.08
CA THR B 281 -16.21 14.21 -3.83
C THR B 281 -17.36 14.77 -2.98
N LEU B 282 -18.01 13.92 -2.20
CA LEU B 282 -19.08 14.31 -1.30
C LEU B 282 -18.70 13.79 0.08
N TRP B 283 -18.70 14.67 1.10
CA TRP B 283 -18.28 14.31 2.44
C TRP B 283 -19.42 14.56 3.44
N ARG B 284 -19.56 13.68 4.46
CA ARG B 284 -20.56 13.75 5.52
C ARG B 284 -19.87 14.09 6.86
N LYS B 285 -20.43 15.01 7.66
CA LYS B 285 -19.86 15.33 8.98
C LYS B 285 -19.92 14.08 9.88
N LYS B 286 -18.84 13.80 10.63
CA LYS B 286 -18.81 12.65 11.54
C LYS B 286 -19.79 12.85 12.72
N1 NZJ C . 2.36 15.49 4.92
C4 NZJ C . 4.28 13.71 8.94
C5 NZJ C . 4.32 14.36 7.72
C6 NZJ C . 3.17 14.94 7.21
C7 NZJ C . 2.01 14.96 8.00
C8 NZJ C . 3.24 15.73 5.92
C10 NZJ C . 1.00 16.53 3.09
C13 NZJ C . 1.50 14.32 4.79
C1 NZJ C . 0.69 14.29 10.04
C11 NZJ C . -0.13 16.13 4.03
C12 NZJ C . 0.02 14.69 4.55
C14 NZJ C . -1.51 16.45 3.47
C2 NZJ C . 1.97 14.33 9.23
C3 NZJ C . 3.13 13.72 9.70
C9 NZJ C . 2.37 16.41 3.78
N2 NZJ C . -2.28 17.19 4.25
O1 NZJ C . 4.13 16.57 5.81
O2 NZJ C . -1.88 16.08 2.34
S SO4 D . 8.39 -5.38 20.09
O1 SO4 D . 9.73 -5.49 19.51
O2 SO4 D . 8.28 -6.22 21.28
O3 SO4 D . 8.13 -3.96 20.40
O4 SO4 D . 7.43 -5.87 19.06
N1 NZJ E . 8.78 7.96 -11.50
C4 NZJ E . 5.51 6.74 -14.74
C5 NZJ E . 6.19 7.62 -13.92
C6 NZJ E . 7.47 7.30 -13.48
C7 NZJ E . 8.08 6.14 -13.97
C8 NZJ E . 8.24 8.31 -12.67
C10 NZJ E . 9.85 5.96 -10.46
C13 NZJ E . 9.63 8.94 -10.81
C1 NZJ E . 8.05 3.98 -15.27
C11 NZJ E . 11.08 6.88 -10.48
C12 NZJ E . 10.76 8.29 -9.99
C14 NZJ E . 12.30 6.29 -9.79
C2 NZJ E . 7.40 5.25 -14.80
C3 NZJ E . 6.12 5.58 -15.19
C9 NZJ E . 8.55 6.70 -10.75
N2 NZJ E . 13.23 5.81 -10.60
O1 NZJ E . 8.31 9.46 -13.10
O2 NZJ E . 12.46 6.34 -8.56
S SO4 F . -13.17 -5.18 -17.41
O1 SO4 F . -12.31 -4.86 -18.54
O2 SO4 F . -12.97 -6.58 -17.00
O3 SO4 F . -12.82 -4.25 -16.31
O4 SO4 F . -14.61 -5.01 -17.71
#